data_1WVF
#
_entry.id   1WVF
#
_cell.length_a   88.640
_cell.length_b   116.910
_cell.length_c   50.220
_cell.angle_alpha   90.00
_cell.angle_beta   113.18
_cell.angle_gamma   90.00
#
_symmetry.space_group_name_H-M   'C 1 2 1'
#
loop_
_entity.id
_entity.type
_entity.pdbx_description
1 polymer '4-cresol dehydrogenase [hydroxylating] flavoprotein subunit'
2 non-polymer 'CHLORIDE ION'
3 non-polymer 'FLAVIN-ADENINE DINUCLEOTIDE'
4 non-polymer 'ACETIC ACID'
5 non-polymer GLYCEROL
6 water water
#
_entity_poly.entity_id   1
_entity_poly.type   'polypeptide(L)'
_entity_poly.pdbx_seq_one_letter_code
;SEQNNAVLPKGVTQGEFNKAVQKFRALLGDDNVLVESDQLVPYNKIMMPVENAAHAPSAAVTATTVEQVQGVVKICNEHK
IPIWTISTGRNFGYGSAAPVQRGQVILDLKKMNKIIKIDPEMCYALVEPGVTFGQMYDYIQENNLPVMLSFSAPSAIAGP
VGNTMDRGVGYTPYGEHFMMQCGMEVVLANGDVYRTGMGGVPGSNTWQIFKWGYGPTLDGMFTQANYGICTKMGFWLMPK
PPVFKPFEVIFEDEADIVEIVDALRPLRMSNTIPNSVVIASTLWEAGSAHLTRAQYTTEPGHTPDSVIKQMQKDTGMGAW
NLYAALYGTQEQVDVNWKIVTDVFKKLGKGRIVTQEEAGDTQPFKYRAQLMSGVPNLQEFGLYNWRGGGGSMWFAPVSEA
RGSECKKQAAMAKRVLHKYGLDYVAEFIVAPRDMHHVIDVLYDRTNPEETKRADACFNELLDEFEKEGYAVYRVNTRFQD
RVAQSYGPVKRKLEHAIKRAVDPNNILAPGRSGIDLNNDF
;
_entity_poly.pdbx_strand_id   A
#
loop_
_chem_comp.id
_chem_comp.type
_chem_comp.name
_chem_comp.formula
ACY non-polymer 'ACETIC ACID' 'C2 H4 O2'
CL non-polymer 'CHLORIDE ION' 'Cl -1'
FAD non-polymer 'FLAVIN-ADENINE DINUCLEOTIDE' 'C27 H33 N9 O15 P2'
GOL non-polymer GLYCEROL 'C3 H8 O3'
#
# COMPACT_ATOMS: atom_id res chain seq x y z
N ALA A 6 -22.60 23.09 3.44
CA ALA A 6 -22.91 21.65 3.19
C ALA A 6 -22.08 21.09 2.05
N VAL A 7 -21.46 19.95 2.27
CA VAL A 7 -20.66 19.31 1.24
C VAL A 7 -21.56 18.42 0.40
N LEU A 8 -21.62 18.69 -0.89
CA LEU A 8 -22.42 17.93 -1.84
C LEU A 8 -21.54 17.40 -2.95
N PRO A 9 -21.98 16.31 -3.61
CA PRO A 9 -21.17 15.77 -4.71
C PRO A 9 -21.09 16.83 -5.81
N LYS A 10 -20.03 16.76 -6.61
CA LYS A 10 -19.80 17.69 -7.70
C LYS A 10 -21.01 17.85 -8.62
N GLY A 11 -21.47 19.09 -8.78
CA GLY A 11 -22.60 19.37 -9.65
C GLY A 11 -23.95 18.73 -9.32
N VAL A 12 -24.09 18.15 -8.14
CA VAL A 12 -25.32 17.49 -7.71
C VAL A 12 -26.11 18.41 -6.75
N THR A 13 -27.43 18.47 -6.94
CA THR A 13 -28.25 19.34 -6.11
C THR A 13 -28.58 18.77 -4.74
N GLN A 14 -28.93 19.65 -3.81
CA GLN A 14 -29.32 19.22 -2.48
C GLN A 14 -30.52 18.28 -2.59
N GLY A 15 -31.46 18.60 -3.47
CA GLY A 15 -32.65 17.77 -3.63
C GLY A 15 -32.36 16.34 -4.08
N GLU A 16 -31.46 16.21 -5.04
CA GLU A 16 -31.11 14.88 -5.53
C GLU A 16 -30.29 14.12 -4.48
N PHE A 17 -29.43 14.85 -3.78
CA PHE A 17 -28.66 14.23 -2.71
C PHE A 17 -29.60 13.72 -1.62
N ASN A 18 -30.62 14.53 -1.26
CA ASN A 18 -31.59 14.13 -0.22
C ASN A 18 -32.33 12.85 -0.60
N LYS A 19 -32.67 12.74 -1.87
N LYS A 19 -32.69 12.72 -1.86
CA LYS A 19 -33.38 11.58 -2.40
CA LYS A 19 -33.40 11.53 -2.30
C LYS A 19 -32.51 10.33 -2.27
C LYS A 19 -32.48 10.32 -2.15
N ALA A 20 -31.22 10.48 -2.57
CA ALA A 20 -30.29 9.37 -2.47
C ALA A 20 -30.12 8.98 -0.99
N VAL A 21 -29.97 9.96 -0.10
CA VAL A 21 -29.81 9.65 1.33
C VAL A 21 -31.07 8.92 1.86
N GLN A 22 -32.23 9.37 1.42
N GLN A 22 -32.24 9.37 1.43
CA GLN A 22 -33.48 8.73 1.80
CA GLN A 22 -33.47 8.72 1.84
C GLN A 22 -33.44 7.24 1.45
C GLN A 22 -33.43 7.23 1.46
N LYS A 23 -33.06 6.97 0.21
CA LYS A 23 -32.97 5.62 -0.31
C LYS A 23 -31.86 4.81 0.36
N PHE A 24 -30.72 5.44 0.64
CA PHE A 24 -29.64 4.76 1.33
C PHE A 24 -30.15 4.33 2.72
N ARG A 25 -30.89 5.22 3.40
CA ARG A 25 -31.44 4.87 4.74
C ARG A 25 -32.45 3.74 4.67
N ALA A 26 -33.28 3.76 3.65
CA ALA A 26 -34.30 2.71 3.50
C ALA A 26 -33.62 1.37 3.24
N LEU A 27 -32.53 1.42 2.47
CA LEU A 27 -31.79 0.21 2.11
C LEU A 27 -30.89 -0.32 3.22
N LEU A 28 -30.18 0.58 3.88
CA LEU A 28 -29.19 0.20 4.89
C LEU A 28 -29.52 0.40 6.36
N GLY A 29 -30.49 1.28 6.65
CA GLY A 29 -30.82 1.58 8.02
C GLY A 29 -30.08 2.87 8.40
N ASP A 30 -30.69 3.70 9.23
N ASP A 30 -30.74 3.69 9.20
CA ASP A 30 -30.07 4.96 9.64
CA ASP A 30 -30.20 4.98 9.64
C ASP A 30 -28.67 4.80 10.21
C ASP A 30 -28.78 4.91 10.18
N ASP A 31 -28.48 3.70 10.96
N ASP A 31 -28.47 3.87 10.94
CA ASP A 31 -27.18 3.41 11.59
CA ASP A 31 -27.15 3.73 11.55
C ASP A 31 -26.07 3.12 10.60
C ASP A 31 -26.04 3.46 10.54
N ASN A 32 -26.39 3.10 9.31
CA ASN A 32 -25.40 2.83 8.27
C ASN A 32 -25.30 3.96 7.26
N VAL A 33 -25.90 5.10 7.57
CA VAL A 33 -25.85 6.26 6.68
C VAL A 33 -25.35 7.39 7.55
N LEU A 34 -24.13 7.86 7.27
CA LEU A 34 -23.50 8.92 8.06
C LEU A 34 -23.41 10.22 7.29
N VAL A 35 -24.17 11.23 7.73
CA VAL A 35 -24.16 12.51 7.06
C VAL A 35 -23.78 13.68 7.97
N GLU A 36 -23.63 13.43 9.27
CA GLU A 36 -23.30 14.48 10.22
C GLU A 36 -21.79 14.74 10.29
N SER A 37 -21.40 16.01 10.43
CA SER A 37 -20.00 16.42 10.50
C SER A 37 -19.16 15.57 11.43
N ASP A 38 -19.65 15.40 12.65
CA ASP A 38 -18.96 14.62 13.66
C ASP A 38 -18.70 13.19 13.20
N GLN A 39 -19.67 12.59 12.52
CA GLN A 39 -19.56 11.23 12.02
C GLN A 39 -18.54 11.12 10.89
N LEU A 40 -18.41 12.20 10.13
CA LEU A 40 -17.49 12.21 9.00
C LEU A 40 -16.05 12.56 9.37
N VAL A 41 -15.83 13.06 10.58
CA VAL A 41 -14.49 13.43 11.00
C VAL A 41 -13.40 12.39 10.74
N PRO A 42 -13.59 11.14 11.18
CA PRO A 42 -12.52 10.18 10.91
C PRO A 42 -12.28 9.92 9.43
N TYR A 43 -13.31 10.05 8.61
CA TYR A 43 -13.18 9.83 7.18
C TYR A 43 -12.43 10.92 6.48
N ASN A 44 -12.45 12.13 7.04
CA ASN A 44 -11.81 13.27 6.38
C ASN A 44 -10.32 13.44 6.65
N LYS A 45 -9.79 12.69 7.62
N LYS A 45 -9.80 12.69 7.61
CA LYS A 45 -8.37 12.81 7.96
CA LYS A 45 -8.39 12.81 7.92
C LYS A 45 -7.44 12.44 6.81
C LYS A 45 -7.52 12.50 6.71
N ILE A 46 -6.57 13.38 6.45
CA ILE A 46 -5.62 13.17 5.35
C ILE A 46 -4.26 13.68 5.75
N MET A 47 -3.23 13.18 5.06
CA MET A 47 -1.85 13.59 5.33
C MET A 47 -1.24 14.30 4.13
N MET A 48 -2.07 14.62 3.15
N MET A 48 -2.04 14.59 3.10
CA MET A 48 -1.66 15.31 1.92
CA MET A 48 -1.54 15.29 1.92
C MET A 48 -1.59 16.82 2.15
C MET A 48 -1.45 16.77 2.24
N PRO A 49 -0.67 17.51 1.45
CA PRO A 49 -0.47 18.95 1.62
C PRO A 49 -1.55 19.82 1.02
N VAL A 50 -2.76 19.67 1.54
CA VAL A 50 -3.90 20.43 1.08
C VAL A 50 -4.90 20.41 2.23
N GLU A 51 -5.76 21.42 2.29
CA GLU A 51 -6.74 21.47 3.36
C GLU A 51 -7.75 20.32 3.26
N ASN A 52 -8.25 19.91 4.42
CA ASN A 52 -9.22 18.83 4.49
C ASN A 52 -10.38 18.99 3.51
N ALA A 53 -10.84 20.23 3.33
CA ALA A 53 -11.99 20.47 2.46
C ALA A 53 -11.84 19.89 1.05
N ALA A 54 -10.61 19.82 0.54
CA ALA A 54 -10.37 19.34 -0.82
C ALA A 54 -10.71 17.86 -1.03
N HIS A 55 -10.80 17.12 0.07
CA HIS A 55 -11.15 15.70 0.02
C HIS A 55 -12.28 15.36 0.96
N ALA A 56 -13.12 16.34 1.27
CA ALA A 56 -14.23 16.12 2.18
C ALA A 56 -15.35 15.32 1.56
N PRO A 57 -15.79 14.26 2.23
CA PRO A 57 -16.89 13.45 1.69
C PRO A 57 -18.23 14.13 2.04
N SER A 58 -19.24 13.86 1.22
CA SER A 58 -20.58 14.38 1.50
C SER A 58 -21.32 13.47 2.47
N ALA A 59 -20.91 12.20 2.55
CA ALA A 59 -21.52 11.22 3.44
C ALA A 59 -20.72 9.93 3.36
N ALA A 60 -21.05 8.99 4.24
CA ALA A 60 -20.42 7.67 4.22
C ALA A 60 -21.54 6.68 4.48
N VAL A 61 -21.55 5.58 3.74
CA VAL A 61 -22.55 4.55 3.94
C VAL A 61 -21.81 3.23 4.16
N THR A 62 -22.22 2.49 5.19
CA THR A 62 -21.57 1.23 5.52
C THR A 62 -22.44 0.05 5.13
N ALA A 63 -22.15 -0.57 3.99
CA ALA A 63 -22.92 -1.71 3.51
C ALA A 63 -22.40 -2.99 4.15
N THR A 64 -23.26 -3.96 4.36
N THR A 64 -23.33 -3.91 4.41
CA THR A 64 -22.81 -5.22 4.94
CA THR A 64 -23.05 -5.19 5.07
C THR A 64 -22.88 -6.41 3.99
C THR A 64 -23.25 -6.47 4.22
N THR A 65 -23.79 -6.33 3.02
CA THR A 65 -23.98 -7.47 2.13
C THR A 65 -23.84 -7.09 0.68
N VAL A 66 -23.63 -8.09 -0.18
CA VAL A 66 -23.53 -7.83 -1.60
C VAL A 66 -24.83 -7.19 -2.10
N GLU A 67 -25.99 -7.67 -1.61
CA GLU A 67 -27.26 -7.10 -2.05
C GLU A 67 -27.33 -5.61 -1.71
N GLN A 68 -26.78 -5.24 -0.56
CA GLN A 68 -26.78 -3.82 -0.21
C GLN A 68 -25.87 -3.03 -1.16
N VAL A 69 -24.74 -3.61 -1.53
CA VAL A 69 -23.86 -2.91 -2.46
C VAL A 69 -24.58 -2.74 -3.80
N GLN A 70 -25.30 -3.78 -4.23
CA GLN A 70 -26.06 -3.68 -5.47
C GLN A 70 -27.10 -2.56 -5.35
N GLY A 71 -27.72 -2.46 -4.18
CA GLY A 71 -28.72 -1.41 -3.95
C GLY A 71 -28.08 -0.03 -3.98
N VAL A 72 -26.87 0.08 -3.42
CA VAL A 72 -26.17 1.35 -3.42
C VAL A 72 -25.88 1.82 -4.84
N VAL A 73 -25.37 0.94 -5.71
CA VAL A 73 -25.10 1.40 -7.05
C VAL A 73 -26.37 1.73 -7.83
N LYS A 74 -27.47 1.04 -7.54
CA LYS A 74 -28.75 1.35 -8.19
C LYS A 74 -29.13 2.81 -7.88
N ILE A 75 -29.06 3.16 -6.59
CA ILE A 75 -29.38 4.50 -6.12
C ILE A 75 -28.41 5.51 -6.73
N CYS A 76 -27.12 5.17 -6.73
CA CYS A 76 -26.12 6.09 -7.31
C CYS A 76 -26.40 6.39 -8.78
N ASN A 77 -26.81 5.37 -9.52
CA ASN A 77 -27.12 5.60 -10.93
C ASN A 77 -28.37 6.47 -11.06
N GLU A 78 -29.35 6.23 -10.20
CA GLU A 78 -30.60 6.99 -10.24
C GLU A 78 -30.39 8.49 -9.99
N HIS A 79 -29.52 8.83 -9.05
CA HIS A 79 -29.33 10.23 -8.71
C HIS A 79 -27.95 10.79 -9.01
N LYS A 80 -27.20 10.03 -9.82
CA LYS A 80 -25.85 10.37 -10.25
C LYS A 80 -24.93 10.74 -9.10
N ILE A 81 -24.88 9.87 -8.11
CA ILE A 81 -24.06 10.08 -6.92
C ILE A 81 -22.74 9.30 -7.07
N PRO A 82 -21.61 10.02 -7.02
CA PRO A 82 -20.30 9.34 -7.15
C PRO A 82 -19.92 8.76 -5.81
N ILE A 83 -19.46 7.51 -5.82
CA ILE A 83 -19.05 6.84 -4.59
C ILE A 83 -17.59 6.44 -4.61
N TRP A 84 -16.95 6.63 -3.47
CA TRP A 84 -15.55 6.30 -3.28
C TRP A 84 -15.56 5.06 -2.39
N THR A 85 -15.10 3.93 -2.91
CA THR A 85 -15.10 2.70 -2.14
C THR A 85 -13.80 2.46 -1.39
N ILE A 86 -13.94 2.08 -0.12
CA ILE A 86 -12.82 1.71 0.72
C ILE A 86 -13.21 0.40 1.41
N SER A 87 -12.19 -0.38 1.80
CA SER A 87 -12.43 -1.66 2.46
C SER A 87 -12.15 -1.50 3.96
N THR A 88 -10.89 -1.39 4.33
CA THR A 88 -10.51 -1.16 5.74
C THR A 88 -10.04 0.29 5.95
N GLY A 89 -9.84 1.03 4.85
CA GLY A 89 -9.53 2.45 4.88
C GLY A 89 -8.25 2.98 5.49
N ARG A 90 -7.24 2.14 5.65
CA ARG A 90 -5.99 2.54 6.28
C ARG A 90 -4.93 2.96 5.27
N ASN A 91 -5.34 3.62 4.19
CA ASN A 91 -4.41 3.99 3.11
C ASN A 91 -3.57 5.24 3.39
N PHE A 92 -2.96 5.26 4.56
CA PHE A 92 -2.12 6.36 5.00
C PHE A 92 -0.98 6.63 4.04
N GLY A 93 -0.81 7.89 3.68
CA GLY A 93 0.23 8.28 2.74
C GLY A 93 -0.23 8.18 1.29
N TYR A 94 -1.44 7.65 1.10
CA TYR A 94 -2.05 7.50 -0.22
C TYR A 94 -3.45 8.11 -0.25
N GLY A 95 -3.82 8.85 0.80
CA GLY A 95 -5.15 9.47 0.84
C GLY A 95 -6.03 9.03 1.99
N SER A 96 -5.57 8.06 2.76
CA SER A 96 -6.29 7.57 3.93
C SER A 96 -7.67 7.10 3.51
N ALA A 97 -8.76 7.49 4.19
CA ALA A 97 -10.08 7.00 3.83
C ALA A 97 -10.88 8.01 3.04
N ALA A 98 -10.31 9.18 2.80
CA ALA A 98 -11.03 10.27 2.14
C ALA A 98 -11.15 10.09 0.63
N PRO A 99 -12.22 10.60 0.02
CA PRO A 99 -12.38 10.43 -1.42
C PRO A 99 -11.40 11.18 -2.30
N VAL A 100 -11.27 10.70 -3.54
CA VAL A 100 -10.36 11.34 -4.49
C VAL A 100 -10.89 12.72 -4.90
N GLN A 101 -12.22 12.89 -4.90
CA GLN A 101 -12.80 14.21 -5.24
C GLN A 101 -13.72 14.63 -4.12
N ARG A 102 -13.65 15.92 -3.79
CA ARG A 102 -14.51 16.48 -2.77
C ARG A 102 -15.98 16.20 -3.10
N GLY A 103 -16.73 15.84 -2.08
CA GLY A 103 -18.17 15.63 -2.24
C GLY A 103 -18.61 14.21 -2.52
N GLN A 104 -17.68 13.31 -2.80
CA GLN A 104 -18.11 11.94 -3.05
C GLN A 104 -18.67 11.31 -1.77
N VAL A 105 -19.55 10.36 -1.96
CA VAL A 105 -20.06 9.58 -0.86
C VAL A 105 -19.09 8.40 -0.70
N ILE A 106 -18.67 8.12 0.52
CA ILE A 106 -17.76 7.00 0.74
C ILE A 106 -18.59 5.72 0.93
N LEU A 107 -18.31 4.69 0.13
CA LEU A 107 -18.96 3.39 0.33
C LEU A 107 -17.91 2.65 1.16
N ASP A 108 -18.16 2.55 2.45
CA ASP A 108 -17.25 1.95 3.42
C ASP A 108 -17.67 0.51 3.65
N LEU A 109 -16.83 -0.43 3.22
CA LEU A 109 -17.16 -1.85 3.33
C LEU A 109 -16.58 -2.54 4.56
N LYS A 110 -16.16 -1.77 5.56
CA LYS A 110 -15.57 -2.40 6.73
C LYS A 110 -16.46 -3.38 7.46
N LYS A 111 -17.79 -3.24 7.36
CA LYS A 111 -18.70 -4.16 8.02
C LYS A 111 -18.87 -5.49 7.27
N MET A 112 -18.40 -5.53 6.03
N MET A 112 -18.43 -5.56 6.02
CA MET A 112 -18.47 -6.72 5.18
CA MET A 112 -18.52 -6.80 5.26
C MET A 112 -17.14 -7.37 5.59
C MET A 112 -17.18 -7.41 5.58
N ASN A 113 -17.13 -8.01 6.75
CA ASN A 113 -15.91 -8.54 7.31
C ASN A 113 -15.77 -10.02 7.64
N LYS A 114 -16.38 -10.87 6.83
CA LYS A 114 -16.27 -12.28 7.10
C LYS A 114 -15.13 -13.00 6.39
N ILE A 115 -14.44 -13.86 7.13
CA ILE A 115 -13.43 -14.72 6.55
C ILE A 115 -14.30 -15.88 6.06
N ILE A 116 -14.45 -16.03 4.75
CA ILE A 116 -15.31 -17.07 4.19
C ILE A 116 -14.68 -18.44 4.29
N LYS A 117 -13.40 -18.53 4.00
CA LYS A 117 -12.68 -19.79 4.14
C LYS A 117 -11.18 -19.62 4.21
N ILE A 118 -10.53 -20.44 5.05
CA ILE A 118 -9.07 -20.52 5.06
C ILE A 118 -8.85 -22.02 4.87
N ASP A 119 -8.22 -22.38 3.77
CA ASP A 119 -7.95 -23.79 3.45
C ASP A 119 -6.49 -24.03 3.79
N PRO A 120 -6.23 -24.80 4.86
CA PRO A 120 -4.85 -25.08 5.27
C PRO A 120 -4.10 -26.13 4.48
N GLU A 121 -4.83 -26.87 3.65
CA GLU A 121 -4.22 -27.90 2.81
C GLU A 121 -3.87 -27.30 1.45
N MET A 122 -4.83 -26.60 0.85
CA MET A 122 -4.60 -25.97 -0.45
C MET A 122 -3.95 -24.59 -0.27
N CYS A 123 -3.83 -24.16 0.98
CA CYS A 123 -3.17 -22.92 1.33
C CYS A 123 -3.71 -21.68 0.63
N TYR A 124 -4.95 -21.34 0.95
CA TYR A 124 -5.57 -20.14 0.40
C TYR A 124 -6.61 -19.59 1.35
N ALA A 125 -7.01 -18.35 1.13
CA ALA A 125 -8.07 -17.73 1.90
C ALA A 125 -9.02 -17.05 0.95
N LEU A 126 -10.29 -16.98 1.36
CA LEU A 126 -11.34 -16.26 0.61
C LEU A 126 -11.96 -15.35 1.68
N VAL A 127 -11.89 -14.04 1.45
CA VAL A 127 -12.37 -13.09 2.44
C VAL A 127 -13.17 -11.94 1.87
N GLU A 128 -13.88 -11.26 2.77
CA GLU A 128 -14.63 -10.05 2.43
C GLU A 128 -13.72 -8.83 2.65
N PRO A 129 -14.11 -7.66 2.11
CA PRO A 129 -13.27 -6.47 2.23
C PRO A 129 -12.87 -5.99 3.60
N GLY A 130 -13.77 -6.13 4.56
CA GLY A 130 -13.50 -5.66 5.91
C GLY A 130 -12.64 -6.57 6.77
N VAL A 131 -12.28 -7.73 6.24
CA VAL A 131 -11.41 -8.63 6.99
C VAL A 131 -10.05 -7.95 7.18
N THR A 132 -9.54 -7.95 8.41
CA THR A 132 -8.26 -7.30 8.68
C THR A 132 -7.14 -8.32 8.83
N PHE A 133 -5.92 -7.83 8.71
CA PHE A 133 -4.75 -8.67 8.90
C PHE A 133 -4.78 -9.25 10.33
N GLY A 134 -5.09 -8.42 11.32
CA GLY A 134 -5.11 -8.88 12.69
C GLY A 134 -6.16 -9.98 12.91
N GLN A 135 -7.32 -9.81 12.28
CA GLN A 135 -8.39 -10.78 12.38
C GLN A 135 -7.92 -12.14 11.84
N MET A 136 -7.29 -12.12 10.67
N MET A 136 -7.28 -12.09 10.67
CA MET A 136 -6.82 -13.37 10.11
CA MET A 136 -6.76 -13.29 10.02
C MET A 136 -5.71 -13.99 10.95
C MET A 136 -5.70 -13.96 10.88
N TYR A 137 -4.78 -13.16 11.40
CA TYR A 137 -3.68 -13.66 12.20
C TYR A 137 -4.17 -14.34 13.47
N ASP A 138 -5.11 -13.71 14.16
CA ASP A 138 -5.60 -14.29 15.41
C ASP A 138 -6.32 -15.61 15.11
N TYR A 139 -7.11 -15.69 14.04
CA TYR A 139 -7.77 -16.93 13.74
C TYR A 139 -6.78 -18.04 13.42
N ILE A 140 -5.79 -17.74 12.58
CA ILE A 140 -4.78 -18.72 12.21
C ILE A 140 -3.98 -19.19 13.42
N GLN A 141 -3.54 -18.26 14.25
CA GLN A 141 -2.74 -18.64 15.40
C GLN A 141 -3.54 -19.41 16.43
N GLU A 142 -4.73 -18.93 16.76
CA GLU A 142 -5.52 -19.60 17.80
C GLU A 142 -5.96 -21.00 17.39
N ASN A 143 -6.14 -21.20 16.09
CA ASN A 143 -6.54 -22.50 15.58
C ASN A 143 -5.39 -23.34 15.08
N ASN A 144 -4.17 -22.87 15.31
CA ASN A 144 -2.96 -23.57 14.94
C ASN A 144 -2.93 -24.02 13.48
N LEU A 145 -3.34 -23.14 12.58
CA LEU A 145 -3.37 -23.48 11.16
C LEU A 145 -1.95 -23.31 10.61
N PRO A 146 -1.49 -24.27 9.79
CA PRO A 146 -0.15 -24.24 9.21
C PRO A 146 0.06 -23.32 8.00
N VAL A 147 -0.35 -22.07 8.15
CA VAL A 147 -0.19 -21.08 7.11
C VAL A 147 0.25 -19.78 7.72
N MET A 148 0.82 -18.91 6.89
CA MET A 148 1.23 -17.60 7.38
C MET A 148 0.76 -16.54 6.42
N LEU A 149 0.67 -15.32 6.94
CA LEU A 149 0.20 -14.17 6.17
C LEU A 149 1.33 -13.36 5.57
N SER A 150 0.97 -12.51 4.61
CA SER A 150 1.91 -11.51 4.11
C SER A 150 1.22 -10.25 4.61
N PHE A 151 1.93 -9.50 5.43
CA PHE A 151 1.40 -8.31 6.07
C PHE A 151 2.00 -7.02 5.57
N SER A 152 1.12 -6.05 5.31
CA SER A 152 1.59 -4.73 4.89
C SER A 152 1.56 -3.84 6.13
N ALA A 153 2.65 -3.11 6.37
CA ALA A 153 2.68 -2.20 7.50
C ALA A 153 1.70 -1.05 7.16
N PRO A 154 1.32 -0.23 8.14
CA PRO A 154 1.75 -0.29 9.55
C PRO A 154 0.57 -0.63 10.47
N SER A 155 -0.57 -1.00 9.89
CA SER A 155 -1.80 -1.19 10.64
C SER A 155 -2.35 -2.62 10.68
N ALA A 156 -2.65 -3.10 11.88
CA ALA A 156 -3.23 -4.44 12.03
C ALA A 156 -4.71 -4.43 11.62
N ILE A 157 -5.30 -3.24 11.48
CA ILE A 157 -6.67 -3.18 11.05
C ILE A 157 -6.82 -2.83 9.56
N ALA A 158 -5.68 -2.85 8.85
CA ALA A 158 -5.70 -2.74 7.38
C ALA A 158 -6.03 -4.19 6.99
N GLY A 159 -6.15 -4.46 5.70
CA GLY A 159 -6.50 -5.81 5.31
C GLY A 159 -6.05 -6.19 3.91
N PRO A 160 -6.18 -7.48 3.57
CA PRO A 160 -5.75 -7.92 2.24
C PRO A 160 -6.51 -7.40 1.05
N VAL A 161 -7.83 -7.18 1.19
CA VAL A 161 -8.57 -6.71 0.03
C VAL A 161 -8.19 -5.29 -0.32
N GLY A 162 -8.23 -4.39 0.65
CA GLY A 162 -7.92 -3.01 0.34
C GLY A 162 -6.49 -2.90 -0.15
N ASN A 163 -5.58 -3.58 0.52
CA ASN A 163 -4.21 -3.49 0.09
C ASN A 163 -4.01 -4.04 -1.32
N THR A 164 -4.65 -5.15 -1.64
CA THR A 164 -4.48 -5.71 -2.97
C THR A 164 -5.15 -4.86 -4.04
N MET A 165 -6.27 -4.19 -3.71
CA MET A 165 -6.92 -3.33 -4.71
C MET A 165 -6.03 -2.15 -5.07
N ASP A 166 -5.02 -1.84 -4.25
CA ASP A 166 -4.07 -0.77 -4.58
C ASP A 166 -2.70 -1.39 -4.92
N ARG A 167 -2.66 -2.72 -5.03
CA ARG A 167 -1.47 -3.50 -5.37
C ARG A 167 -0.29 -3.24 -4.45
N GLY A 168 -0.60 -3.27 -3.15
CA GLY A 168 0.40 -3.09 -2.12
C GLY A 168 1.31 -4.29 -1.97
N VAL A 169 2.23 -4.17 -1.01
CA VAL A 169 3.27 -5.17 -0.82
C VAL A 169 3.57 -5.50 0.63
N GLY A 170 4.07 -6.71 0.81
CA GLY A 170 4.49 -7.24 2.10
C GLY A 170 5.96 -7.68 2.01
N TYR A 171 6.39 -8.46 3.02
CA TYR A 171 7.79 -8.77 3.16
C TYR A 171 8.20 -10.22 3.27
N THR A 172 7.28 -11.12 2.92
CA THR A 172 7.57 -12.54 2.92
C THR A 172 7.73 -12.95 1.45
N PRO A 173 7.86 -14.26 1.15
CA PRO A 173 7.96 -14.66 -0.26
C PRO A 173 6.63 -14.41 -0.97
N TYR A 174 5.57 -14.12 -0.22
CA TYR A 174 4.25 -13.81 -0.79
C TYR A 174 4.01 -12.30 -0.71
N GLY A 175 5.09 -11.55 -0.63
CA GLY A 175 5.00 -10.10 -0.51
C GLY A 175 4.39 -9.34 -1.66
N GLU A 176 4.44 -9.84 -2.89
CA GLU A 176 3.83 -9.09 -4.01
C GLU A 176 2.37 -9.56 -3.96
N HIS A 177 1.56 -8.85 -3.20
N HIS A 177 1.58 -8.85 -3.16
CA HIS A 177 0.20 -9.25 -2.96
CA HIS A 177 0.18 -9.17 -2.95
C HIS A 177 -0.67 -9.57 -4.17
C HIS A 177 -0.62 -9.58 -4.17
N PHE A 178 -0.64 -8.73 -5.19
CA PHE A 178 -1.46 -9.02 -6.35
C PHE A 178 -1.00 -10.26 -7.10
N MET A 179 0.28 -10.61 -7.01
N MET A 179 0.28 -10.61 -7.01
N MET A 179 0.27 -10.61 -7.02
CA MET A 179 0.79 -11.81 -7.66
CA MET A 179 0.79 -11.81 -7.66
CA MET A 179 0.73 -11.82 -7.69
C MET A 179 0.14 -13.06 -7.06
C MET A 179 0.14 -13.06 -7.05
C MET A 179 0.06 -13.05 -7.07
N MET A 180 -0.17 -13.00 -5.76
CA MET A 180 -0.77 -14.14 -5.05
C MET A 180 -2.28 -14.12 -4.94
N GLN A 181 -2.90 -13.11 -5.52
CA GLN A 181 -4.36 -13.03 -5.50
C GLN A 181 -4.95 -14.10 -6.41
N CYS A 182 -6.11 -14.65 -6.05
CA CYS A 182 -6.72 -15.70 -6.88
C CYS A 182 -8.23 -15.69 -6.63
N GLY A 183 -8.96 -15.21 -7.64
CA GLY A 183 -10.41 -15.10 -7.53
C GLY A 183 -10.84 -13.76 -6.94
N MET A 184 -11.83 -13.13 -7.58
CA MET A 184 -12.32 -11.84 -7.13
C MET A 184 -13.78 -11.73 -7.51
N GLU A 185 -14.57 -11.12 -6.63
CA GLU A 185 -15.97 -10.82 -6.91
C GLU A 185 -16.11 -9.32 -6.87
N VAL A 186 -16.76 -8.76 -7.89
CA VAL A 186 -17.01 -7.34 -7.93
C VAL A 186 -18.46 -7.09 -8.29
N VAL A 187 -19.00 -6.02 -7.74
CA VAL A 187 -20.32 -5.56 -8.13
C VAL A 187 -20.01 -4.46 -9.17
N LEU A 188 -20.60 -4.61 -10.36
CA LEU A 188 -20.42 -3.64 -11.42
C LEU A 188 -21.41 -2.49 -11.22
N ALA A 189 -21.19 -1.39 -11.93
CA ALA A 189 -22.07 -0.23 -11.79
C ALA A 189 -23.52 -0.59 -12.10
N ASN A 190 -23.76 -1.54 -13.00
CA ASN A 190 -25.14 -1.92 -13.34
C ASN A 190 -25.75 -2.89 -12.35
N GLY A 191 -25.03 -3.21 -11.29
CA GLY A 191 -25.50 -4.12 -10.26
C GLY A 191 -25.12 -5.57 -10.44
N ASP A 192 -24.61 -5.93 -11.60
CA ASP A 192 -24.24 -7.34 -11.82
C ASP A 192 -23.10 -7.77 -10.89
N VAL A 193 -23.17 -9.00 -10.41
CA VAL A 193 -22.14 -9.55 -9.56
C VAL A 193 -21.27 -10.44 -10.44
N TYR A 194 -20.06 -9.98 -10.70
CA TYR A 194 -19.12 -10.69 -11.57
C TYR A 194 -18.01 -11.36 -10.76
N ARG A 195 -17.78 -12.63 -11.04
CA ARG A 195 -16.69 -13.37 -10.39
C ARG A 195 -15.68 -13.72 -11.45
N THR A 196 -14.42 -13.37 -11.17
CA THR A 196 -13.33 -13.67 -12.09
C THR A 196 -12.90 -15.13 -12.04
N GLY A 197 -12.00 -15.50 -12.96
CA GLY A 197 -11.41 -16.84 -12.95
C GLY A 197 -12.40 -17.97 -12.99
N MET A 198 -12.30 -18.90 -12.04
CA MET A 198 -13.19 -20.05 -12.03
C MET A 198 -14.49 -19.76 -11.29
N GLY A 199 -14.66 -18.54 -10.80
CA GLY A 199 -15.84 -18.21 -10.02
C GLY A 199 -17.19 -18.26 -10.70
N GLY A 200 -17.21 -18.03 -12.01
CA GLY A 200 -18.44 -18.05 -12.76
C GLY A 200 -18.96 -19.45 -13.05
N VAL A 201 -18.15 -20.48 -12.83
CA VAL A 201 -18.59 -21.84 -13.08
C VAL A 201 -19.47 -22.32 -11.94
N PRO A 202 -20.76 -22.62 -12.19
CA PRO A 202 -21.65 -23.08 -11.10
C PRO A 202 -21.07 -24.30 -10.37
N GLY A 203 -21.00 -24.21 -9.06
CA GLY A 203 -20.48 -25.30 -8.26
C GLY A 203 -18.97 -25.50 -8.24
N SER A 204 -18.27 -24.48 -8.73
N SER A 204 -18.23 -24.58 -8.84
CA SER A 204 -16.81 -24.51 -8.78
CA SER A 204 -16.79 -24.77 -8.89
C SER A 204 -16.17 -24.68 -7.41
C SER A 204 -16.15 -24.67 -7.52
N ASN A 205 -15.05 -25.39 -7.37
CA ASN A 205 -14.28 -25.45 -6.13
C ASN A 205 -12.86 -24.96 -6.42
N THR A 206 -12.70 -24.27 -7.55
CA THR A 206 -11.36 -23.82 -7.95
C THR A 206 -11.17 -22.31 -8.05
N TRP A 207 -12.09 -21.54 -7.50
CA TRP A 207 -11.97 -20.08 -7.55
C TRP A 207 -10.66 -19.58 -6.93
N GLN A 208 -10.24 -20.19 -5.82
CA GLN A 208 -8.99 -19.81 -5.17
C GLN A 208 -7.81 -20.72 -5.54
N ILE A 209 -8.02 -21.53 -6.57
CA ILE A 209 -7.02 -22.51 -7.02
C ILE A 209 -6.28 -22.12 -8.30
N PHE A 210 -7.02 -21.69 -9.33
CA PHE A 210 -6.43 -21.35 -10.63
C PHE A 210 -6.80 -19.93 -10.96
N LYS A 211 -5.80 -19.10 -11.19
CA LYS A 211 -6.07 -17.70 -11.37
C LYS A 211 -6.86 -17.27 -12.59
N TRP A 212 -6.54 -17.84 -13.74
CA TRP A 212 -7.02 -17.22 -14.96
C TRP A 212 -8.39 -17.50 -15.45
N GLY A 213 -8.91 -18.69 -15.16
CA GLY A 213 -10.18 -19.06 -15.75
C GLY A 213 -9.99 -19.22 -17.26
N TYR A 214 -11.01 -18.84 -18.01
CA TYR A 214 -11.07 -18.96 -19.47
C TYR A 214 -11.47 -17.64 -20.03
N GLY A 215 -10.97 -17.29 -21.21
CA GLY A 215 -11.30 -16.00 -21.79
C GLY A 215 -10.50 -14.90 -21.11
N PRO A 216 -10.83 -13.62 -21.37
CA PRO A 216 -10.06 -12.56 -20.72
C PRO A 216 -10.04 -12.73 -19.22
N THR A 217 -8.85 -12.53 -18.61
CA THR A 217 -8.74 -12.63 -17.16
C THR A 217 -8.67 -11.19 -16.67
N LEU A 218 -9.70 -10.80 -15.90
CA LEU A 218 -9.90 -9.41 -15.54
C LEU A 218 -9.56 -8.91 -14.18
N ASP A 219 -9.03 -9.76 -13.30
CA ASP A 219 -8.74 -9.29 -11.95
C ASP A 219 -7.89 -8.02 -11.95
N GLY A 220 -6.87 -8.00 -12.80
CA GLY A 220 -6.00 -6.83 -12.86
C GLY A 220 -6.67 -5.56 -13.33
N MET A 221 -7.69 -5.73 -14.18
CA MET A 221 -8.41 -4.57 -14.71
C MET A 221 -9.15 -3.84 -13.59
N PHE A 222 -9.53 -4.55 -12.53
CA PHE A 222 -10.24 -3.87 -11.44
C PHE A 222 -9.31 -3.24 -10.41
N THR A 223 -8.07 -3.74 -10.32
CA THR A 223 -7.12 -3.20 -9.36
C THR A 223 -6.64 -1.82 -9.80
N GLN A 224 -6.47 -0.91 -8.83
CA GLN A 224 -6.12 0.49 -9.08
C GLN A 224 -7.07 1.08 -10.11
N ALA A 225 -8.33 0.65 -10.07
CA ALA A 225 -9.29 1.15 -11.05
C ALA A 225 -10.64 1.39 -10.41
N ASN A 226 -11.55 1.88 -11.23
CA ASN A 226 -12.90 2.22 -10.77
C ASN A 226 -13.92 1.61 -11.73
N TYR A 227 -13.73 0.34 -12.03
CA TYR A 227 -14.60 -0.41 -12.93
C TYR A 227 -15.53 -1.36 -12.21
N GLY A 228 -15.43 -1.41 -10.89
CA GLY A 228 -16.25 -2.29 -10.09
C GLY A 228 -15.90 -2.11 -8.64
N ILE A 229 -16.72 -2.70 -7.78
CA ILE A 229 -16.55 -2.64 -6.33
C ILE A 229 -16.23 -4.06 -5.85
N CYS A 230 -15.02 -4.28 -5.34
CA CYS A 230 -14.68 -5.63 -4.89
C CYS A 230 -15.44 -5.96 -3.61
N THR A 231 -16.14 -7.09 -3.63
CA THR A 231 -16.91 -7.59 -2.48
C THR A 231 -16.37 -8.89 -1.89
N LYS A 232 -15.51 -9.60 -2.63
CA LYS A 232 -14.83 -10.80 -2.11
C LYS A 232 -13.53 -10.93 -2.87
N MET A 233 -12.52 -11.48 -2.21
CA MET A 233 -11.26 -11.71 -2.88
C MET A 233 -10.58 -12.91 -2.24
N GLY A 234 -9.96 -13.73 -3.07
CA GLY A 234 -9.17 -14.84 -2.58
C GLY A 234 -7.70 -14.59 -2.83
N PHE A 235 -6.88 -15.30 -2.10
CA PHE A 235 -5.45 -15.20 -2.29
C PHE A 235 -4.78 -16.42 -1.69
N TRP A 236 -3.58 -16.69 -2.19
CA TRP A 236 -2.80 -17.84 -1.75
C TRP A 236 -2.02 -17.48 -0.50
N LEU A 237 -1.87 -18.49 0.35
CA LEU A 237 -1.12 -18.35 1.60
C LEU A 237 0.09 -19.24 1.61
N MET A 238 1.17 -18.75 2.20
N MET A 238 1.14 -18.76 2.26
CA MET A 238 2.37 -19.56 2.27
CA MET A 238 2.38 -19.50 2.39
C MET A 238 2.21 -20.57 3.39
C MET A 238 2.26 -20.57 3.46
N PRO A 239 2.62 -21.83 3.15
CA PRO A 239 2.51 -22.84 4.20
C PRO A 239 3.57 -22.46 5.25
N LYS A 240 3.24 -22.71 6.52
CA LYS A 240 4.15 -22.39 7.60
C LYS A 240 5.41 -23.24 7.43
N PRO A 241 6.59 -22.60 7.36
CA PRO A 241 7.82 -23.37 7.20
C PRO A 241 8.34 -23.96 8.50
N PRO A 242 9.10 -25.05 8.40
CA PRO A 242 9.63 -25.64 9.63
C PRO A 242 10.55 -24.64 10.34
N VAL A 243 11.36 -23.93 9.56
CA VAL A 243 12.33 -22.97 10.09
C VAL A 243 12.27 -21.61 9.38
N PHE A 244 12.36 -20.55 10.18
CA PHE A 244 12.37 -19.16 9.70
C PHE A 244 13.67 -18.56 10.22
N LYS A 245 14.50 -17.99 9.34
CA LYS A 245 15.75 -17.38 9.77
C LYS A 245 15.91 -15.98 9.22
N PRO A 246 15.42 -14.98 9.97
CA PRO A 246 15.53 -13.59 9.53
C PRO A 246 16.94 -13.12 9.83
N PHE A 247 17.45 -12.20 9.03
CA PHE A 247 18.79 -11.65 9.24
C PHE A 247 18.90 -10.26 8.63
N GLU A 248 19.99 -9.58 8.96
CA GLU A 248 20.22 -8.24 8.47
C GLU A 248 21.66 -8.09 8.00
N VAL A 249 21.86 -7.20 7.04
CA VAL A 249 23.22 -6.91 6.61
C VAL A 249 23.33 -5.39 6.60
N ILE A 250 24.28 -4.85 7.36
CA ILE A 250 24.44 -3.42 7.50
C ILE A 250 25.61 -2.90 6.66
N PHE A 251 25.37 -1.81 5.93
CA PHE A 251 26.38 -1.21 5.07
C PHE A 251 26.61 0.22 5.54
N GLU A 252 27.87 0.60 5.66
CA GLU A 252 28.21 1.91 6.19
C GLU A 252 28.12 3.11 5.28
N ASP A 253 28.25 2.92 3.98
CA ASP A 253 28.27 4.06 3.07
C ASP A 253 27.17 4.13 2.06
N GLU A 254 26.67 5.33 1.86
CA GLU A 254 25.61 5.58 0.91
C GLU A 254 25.96 5.04 -0.48
N ALA A 255 27.22 5.18 -0.89
CA ALA A 255 27.64 4.71 -2.21
C ALA A 255 27.64 3.18 -2.37
N ASP A 256 27.47 2.46 -1.26
CA ASP A 256 27.47 0.99 -1.31
C ASP A 256 26.24 0.40 -2.02
N ILE A 257 25.21 1.22 -2.22
CA ILE A 257 23.99 0.73 -2.82
C ILE A 257 24.18 0.01 -4.15
N VAL A 258 25.13 0.44 -4.98
CA VAL A 258 25.36 -0.24 -6.25
C VAL A 258 25.74 -1.71 -6.03
N GLU A 259 26.73 -1.92 -5.17
CA GLU A 259 27.20 -3.26 -4.87
C GLU A 259 26.20 -4.10 -4.08
N ILE A 260 25.47 -3.46 -3.16
CA ILE A 260 24.47 -4.19 -2.39
C ILE A 260 23.43 -4.80 -3.35
N VAL A 261 22.85 -3.95 -4.21
CA VAL A 261 21.82 -4.41 -5.13
C VAL A 261 22.33 -5.47 -6.12
N ASP A 262 23.56 -5.29 -6.64
CA ASP A 262 24.07 -6.25 -7.62
C ASP A 262 24.46 -7.58 -6.99
N ALA A 263 24.85 -7.57 -5.72
CA ALA A 263 25.16 -8.81 -5.02
C ALA A 263 23.87 -9.53 -4.63
N LEU A 264 22.86 -8.77 -4.25
CA LEU A 264 21.58 -9.33 -3.84
C LEU A 264 20.77 -9.89 -4.99
N ARG A 265 20.82 -9.25 -6.16
CA ARG A 265 19.98 -9.69 -7.26
C ARG A 265 20.06 -11.17 -7.61
N PRO A 266 21.27 -11.74 -7.80
CA PRO A 266 21.30 -13.18 -8.14
C PRO A 266 20.71 -14.07 -7.05
N LEU A 267 20.82 -13.65 -5.79
CA LEU A 267 20.27 -14.41 -4.67
C LEU A 267 18.74 -14.41 -4.74
N ARG A 268 18.19 -13.28 -5.16
CA ARG A 268 16.74 -13.19 -5.32
C ARG A 268 16.29 -13.94 -6.59
N MET A 269 17.07 -13.78 -7.68
CA MET A 269 16.72 -14.41 -8.96
C MET A 269 16.72 -15.93 -8.87
N SER A 270 17.59 -16.48 -8.04
CA SER A 270 17.67 -17.94 -7.85
C SER A 270 16.75 -18.42 -6.74
N ASN A 271 16.07 -17.50 -6.08
CA ASN A 271 15.19 -17.79 -4.97
C ASN A 271 15.93 -18.25 -3.71
N THR A 272 17.26 -18.09 -3.69
CA THR A 272 18.03 -18.47 -2.50
C THR A 272 17.59 -17.58 -1.31
N ILE A 273 17.34 -16.30 -1.57
CA ILE A 273 16.70 -15.42 -0.57
C ILE A 273 15.35 -15.26 -1.28
N PRO A 274 14.28 -15.84 -0.73
CA PRO A 274 12.97 -15.79 -1.36
C PRO A 274 11.98 -14.72 -1.03
N ASN A 275 12.23 -13.94 0.01
CA ASN A 275 11.27 -12.93 0.39
C ASN A 275 11.55 -11.56 -0.23
N SER A 276 10.58 -10.67 -0.07
CA SER A 276 10.73 -9.29 -0.51
C SER A 276 11.66 -8.62 0.51
N VAL A 277 12.93 -8.61 0.19
CA VAL A 277 13.96 -8.00 1.01
C VAL A 277 13.82 -6.49 1.01
N VAL A 278 14.26 -5.85 2.10
N VAL A 278 14.25 -5.84 2.08
CA VAL A 278 14.22 -4.40 2.21
CA VAL A 278 14.24 -4.40 2.06
C VAL A 278 15.64 -3.86 2.39
C VAL A 278 15.67 -3.93 2.26
N ILE A 279 15.96 -2.77 1.71
CA ILE A 279 17.28 -2.12 1.87
C ILE A 279 16.84 -0.72 2.32
N ALA A 280 16.91 -0.48 3.63
CA ALA A 280 16.43 0.75 4.24
C ALA A 280 17.52 1.78 4.50
N SER A 281 17.21 3.03 4.13
CA SER A 281 18.18 4.11 4.32
C SER A 281 18.27 4.46 5.82
N THR A 282 19.31 5.20 6.18
CA THR A 282 19.50 5.54 7.59
C THR A 282 18.28 6.16 8.25
N LEU A 283 17.65 7.11 7.59
CA LEU A 283 16.54 7.77 8.23
C LEU A 283 15.28 6.90 8.33
N TRP A 284 15.07 6.00 7.37
CA TRP A 284 13.93 5.07 7.50
C TRP A 284 14.24 4.20 8.72
N GLU A 285 15.46 3.67 8.78
CA GLU A 285 15.88 2.85 9.90
C GLU A 285 15.63 3.60 11.24
N ALA A 286 16.07 4.86 11.30
CA ALA A 286 15.91 5.67 12.51
C ALA A 286 14.45 5.88 12.89
N GLY A 287 13.62 6.28 11.94
CA GLY A 287 12.23 6.51 12.25
C GLY A 287 11.54 5.22 12.67
N SER A 288 11.89 4.10 12.04
CA SER A 288 11.24 2.84 12.38
C SER A 288 11.65 2.41 13.78
N ALA A 289 12.79 2.91 14.25
CA ALA A 289 13.29 2.63 15.60
C ALA A 289 12.76 3.67 16.60
N HIS A 290 11.86 4.52 16.14
CA HIS A 290 11.21 5.55 16.93
C HIS A 290 12.10 6.70 17.36
N LEU A 291 13.12 6.97 16.55
CA LEU A 291 14.00 8.12 16.81
C LEU A 291 13.38 9.29 16.05
N THR A 292 13.60 10.50 16.54
CA THR A 292 13.02 11.67 15.88
C THR A 292 14.10 12.65 15.46
N ARG A 293 13.80 13.50 14.48
CA ARG A 293 14.79 14.45 14.04
C ARG A 293 15.19 15.38 15.17
N ALA A 294 14.19 15.81 15.96
CA ALA A 294 14.45 16.72 17.08
C ALA A 294 15.46 16.20 18.10
N GLN A 295 15.62 14.88 18.19
CA GLN A 295 16.60 14.34 19.14
C GLN A 295 18.01 14.67 18.69
N TYR A 296 18.17 14.95 17.40
N TYR A 296 18.19 14.99 17.42
CA TYR A 296 19.48 15.24 16.81
CA TYR A 296 19.53 15.33 16.96
C TYR A 296 19.71 16.68 16.38
C TYR A 296 19.68 16.79 16.57
N THR A 297 18.66 17.36 15.95
CA THR A 297 18.76 18.75 15.53
C THR A 297 17.39 19.38 15.41
N THR A 298 17.32 20.68 15.68
CA THR A 298 16.07 21.42 15.52
C THR A 298 16.29 22.55 14.50
N GLU A 299 17.42 22.49 13.79
N GLU A 299 17.44 22.49 13.79
CA GLU A 299 17.71 23.50 12.79
CA GLU A 299 17.77 23.49 12.77
C GLU A 299 16.80 23.31 11.59
C GLU A 299 16.85 23.30 11.56
N PRO A 300 16.54 24.40 10.85
CA PRO A 300 15.66 24.28 9.68
C PRO A 300 16.30 23.47 8.56
N GLY A 301 15.47 23.09 7.59
CA GLY A 301 15.92 22.34 6.44
C GLY A 301 16.00 20.85 6.61
N HIS A 302 16.68 20.21 5.67
CA HIS A 302 16.86 18.76 5.69
C HIS A 302 17.84 18.40 6.80
N THR A 303 17.93 17.11 7.08
CA THR A 303 18.87 16.60 8.08
C THR A 303 20.18 16.42 7.33
N PRO A 304 21.22 17.17 7.73
CA PRO A 304 22.54 17.09 7.08
C PRO A 304 23.22 15.74 7.10
N ASP A 305 24.01 15.43 6.08
CA ASP A 305 24.76 14.18 6.06
C ASP A 305 25.61 14.05 7.31
N SER A 306 26.17 15.17 7.77
CA SER A 306 27.03 15.15 8.94
C SER A 306 26.26 14.68 10.19
N VAL A 307 24.99 15.07 10.29
CA VAL A 307 24.15 14.62 11.41
C VAL A 307 23.83 13.13 11.24
N ILE A 308 23.55 12.71 10.01
CA ILE A 308 23.24 11.30 9.75
C ILE A 308 24.44 10.42 10.08
N LYS A 309 25.66 10.85 9.72
CA LYS A 309 26.83 10.04 10.05
C LYS A 309 26.96 9.96 11.57
N GLN A 310 26.57 11.02 12.27
CA GLN A 310 26.65 11.01 13.73
C GLN A 310 25.63 10.00 14.25
N MET A 311 24.47 9.98 13.61
N MET A 311 24.45 9.98 13.62
CA MET A 311 23.43 9.06 14.00
CA MET A 311 23.40 9.05 14.00
C MET A 311 23.91 7.62 13.82
C MET A 311 23.89 7.61 13.81
N GLN A 312 24.58 7.36 12.69
CA GLN A 312 25.10 6.03 12.41
C GLN A 312 26.10 5.63 13.48
N LYS A 313 26.96 6.57 13.88
CA LYS A 313 27.96 6.33 14.91
C LYS A 313 27.32 5.95 16.24
N ASP A 314 26.34 6.75 16.67
CA ASP A 314 25.67 6.52 17.96
C ASP A 314 24.81 5.26 18.04
N THR A 315 24.20 4.87 16.92
CA THR A 315 23.29 3.73 16.92
C THR A 315 23.74 2.40 16.32
N GLY A 316 24.74 2.44 15.45
CA GLY A 316 25.15 1.22 14.78
C GLY A 316 24.39 1.04 13.47
N MET A 317 23.43 1.94 13.19
N MET A 317 23.44 1.92 13.20
CA MET A 317 22.64 1.88 11.95
CA MET A 317 22.73 1.79 11.94
C MET A 317 23.53 2.27 10.77
C MET A 317 23.69 2.11 10.82
N GLY A 318 23.40 1.58 9.64
CA GLY A 318 24.23 1.90 8.52
C GLY A 318 23.54 2.87 7.56
N ALA A 319 24.27 3.20 6.50
CA ALA A 319 23.70 4.04 5.44
C ALA A 319 22.58 3.24 4.78
N TRP A 320 22.76 1.93 4.68
CA TRP A 320 21.78 1.02 4.10
C TRP A 320 21.68 -0.18 5.04
N ASN A 321 20.44 -0.61 5.31
CA ASN A 321 20.19 -1.68 6.27
C ASN A 321 19.29 -2.68 5.55
N LEU A 322 19.88 -3.83 5.23
CA LEU A 322 19.21 -4.87 4.46
C LEU A 322 18.59 -5.92 5.36
N TYR A 323 17.29 -6.15 5.22
CA TYR A 323 16.58 -7.16 6.02
C TYR A 323 16.04 -8.22 5.09
N ALA A 324 16.41 -9.46 5.36
CA ALA A 324 16.03 -10.60 4.51
C ALA A 324 15.76 -11.81 5.39
N ALA A 325 15.30 -12.90 4.79
CA ALA A 325 15.06 -14.10 5.58
C ALA A 325 15.15 -15.35 4.73
N LEU A 326 15.42 -16.45 5.42
CA LEU A 326 15.46 -17.78 4.79
C LEU A 326 14.33 -18.58 5.44
N TYR A 327 13.78 -19.51 4.67
CA TYR A 327 12.68 -20.34 5.10
C TYR A 327 12.84 -21.74 4.56
N GLY A 328 12.45 -22.74 5.34
CA GLY A 328 12.49 -24.11 4.83
C GLY A 328 12.79 -25.06 5.94
N THR A 329 13.29 -26.22 5.59
CA THR A 329 13.68 -27.16 6.63
C THR A 329 15.01 -26.62 7.14
N GLN A 330 15.47 -27.11 8.29
CA GLN A 330 16.73 -26.61 8.80
C GLN A 330 17.87 -26.85 7.81
N GLU A 331 17.86 -28.00 7.14
CA GLU A 331 18.92 -28.32 6.20
C GLU A 331 18.89 -27.35 4.98
N GLN A 332 17.69 -27.00 4.54
CA GLN A 332 17.58 -26.05 3.42
C GLN A 332 18.10 -24.70 3.87
N VAL A 333 17.66 -24.25 5.05
CA VAL A 333 18.12 -22.98 5.57
C VAL A 333 19.63 -22.94 5.71
N ASP A 334 20.23 -24.01 6.24
CA ASP A 334 21.67 -24.05 6.44
C ASP A 334 22.43 -23.92 5.13
N VAL A 335 21.98 -24.61 4.09
CA VAL A 335 22.66 -24.55 2.82
C VAL A 335 22.54 -23.15 2.21
N ASN A 336 21.35 -22.56 2.28
CA ASN A 336 21.19 -21.23 1.73
C ASN A 336 21.94 -20.18 2.53
N TRP A 337 22.09 -20.40 3.85
CA TRP A 337 22.81 -19.46 4.69
C TRP A 337 24.28 -19.44 4.27
N LYS A 338 24.84 -20.60 3.96
CA LYS A 338 26.23 -20.65 3.51
C LYS A 338 26.38 -19.86 2.20
N ILE A 339 25.44 -20.03 1.27
CA ILE A 339 25.50 -19.31 0.00
C ILE A 339 25.44 -17.79 0.23
N VAL A 340 24.52 -17.36 1.09
CA VAL A 340 24.34 -15.94 1.36
C VAL A 340 25.56 -15.34 2.03
N THR A 341 26.04 -16.00 3.09
CA THR A 341 27.22 -15.47 3.77
C THR A 341 28.44 -15.45 2.85
N ASP A 342 28.56 -16.45 1.97
CA ASP A 342 29.68 -16.47 1.03
C ASP A 342 29.61 -15.25 0.08
N VAL A 343 28.41 -14.89 -0.36
CA VAL A 343 28.29 -13.75 -1.26
C VAL A 343 28.79 -12.46 -0.58
N PHE A 344 28.36 -12.22 0.65
CA PHE A 344 28.81 -11.00 1.30
C PHE A 344 30.27 -11.02 1.69
N LYS A 345 30.79 -12.22 1.96
N LYS A 345 30.80 -12.20 2.00
CA LYS A 345 32.20 -12.39 2.31
CA LYS A 345 32.21 -12.31 2.30
C LYS A 345 33.01 -12.00 1.08
C LYS A 345 33.01 -11.96 1.05
N LYS A 346 32.60 -12.53 -0.08
CA LYS A 346 33.28 -12.25 -1.34
C LYS A 346 33.21 -10.77 -1.71
N LEU A 347 32.06 -10.14 -1.42
CA LEU A 347 31.88 -8.73 -1.71
C LEU A 347 32.83 -7.88 -0.87
N GLY A 348 33.09 -8.33 0.36
CA GLY A 348 33.98 -7.59 1.23
C GLY A 348 33.35 -6.37 1.89
N LYS A 349 32.02 -6.29 1.82
CA LYS A 349 31.26 -5.21 2.42
C LYS A 349 30.01 -5.83 3.03
N GLY A 350 29.53 -5.23 4.12
CA GLY A 350 28.32 -5.71 4.77
C GLY A 350 28.55 -6.50 6.04
N ARG A 351 27.99 -6.00 7.13
CA ARG A 351 28.12 -6.70 8.41
C ARG A 351 26.81 -7.46 8.66
N ILE A 352 26.91 -8.77 8.83
CA ILE A 352 25.75 -9.59 9.07
C ILE A 352 25.33 -9.57 10.53
N VAL A 353 24.03 -9.40 10.76
CA VAL A 353 23.45 -9.42 12.11
C VAL A 353 22.39 -10.54 12.11
N THR A 354 22.50 -11.47 13.07
CA THR A 354 21.56 -12.60 13.19
C THR A 354 20.39 -12.30 14.11
N GLN A 355 19.36 -13.14 14.04
CA GLN A 355 18.19 -12.97 14.88
C GLN A 355 18.61 -13.10 16.34
N GLU A 356 19.55 -14.00 16.60
CA GLU A 356 20.03 -14.18 17.96
C GLU A 356 20.70 -12.89 18.47
N GLU A 357 21.64 -12.36 17.70
CA GLU A 357 22.34 -11.13 18.09
C GLU A 357 21.42 -9.93 18.29
N ALA A 358 20.46 -9.76 17.40
CA ALA A 358 19.54 -8.63 17.47
C ALA A 358 18.62 -8.65 18.69
N GLY A 359 18.21 -9.82 19.14
CA GLY A 359 17.35 -9.90 20.31
C GLY A 359 16.06 -9.15 20.11
N ASP A 360 15.62 -8.45 21.15
CA ASP A 360 14.38 -7.67 21.08
C ASP A 360 14.59 -6.27 20.59
N THR A 361 15.81 -5.96 20.14
CA THR A 361 16.06 -4.61 19.67
C THR A 361 15.35 -4.31 18.36
N GLN A 362 15.02 -3.03 18.22
CA GLN A 362 14.38 -2.50 17.02
C GLN A 362 15.48 -1.79 16.26
N PRO A 363 15.39 -1.74 14.92
CA PRO A 363 14.31 -2.31 14.09
C PRO A 363 14.29 -3.78 13.80
N PHE A 364 15.31 -4.53 14.19
CA PHE A 364 15.31 -5.94 13.83
C PHE A 364 14.05 -6.70 14.25
N LYS A 365 13.61 -6.47 15.48
CA LYS A 365 12.44 -7.18 15.96
C LYS A 365 11.22 -7.03 15.06
N TYR A 366 10.84 -5.81 14.70
CA TYR A 366 9.66 -5.65 13.85
C TYR A 366 9.93 -6.14 12.42
N ARG A 367 11.18 -6.06 11.99
CA ARG A 367 11.50 -6.55 10.65
C ARG A 367 11.30 -8.06 10.60
N ALA A 368 11.70 -8.75 11.66
CA ALA A 368 11.51 -10.20 11.71
C ALA A 368 10.02 -10.50 11.70
N GLN A 369 9.23 -9.67 12.36
CA GLN A 369 7.77 -9.86 12.34
C GLN A 369 7.25 -9.65 10.92
N LEU A 370 7.67 -8.56 10.27
CA LEU A 370 7.21 -8.36 8.91
C LEU A 370 7.56 -9.53 8.01
N MET A 371 8.78 -10.05 8.15
CA MET A 371 9.22 -11.12 7.25
C MET A 371 8.59 -12.46 7.54
N SER A 372 7.83 -12.53 8.64
CA SER A 372 7.09 -13.75 8.94
C SER A 372 5.57 -13.49 9.01
N GLY A 373 5.14 -12.36 8.47
CA GLY A 373 3.72 -12.06 8.42
C GLY A 373 3.01 -11.81 9.72
N VAL A 374 3.72 -11.23 10.70
CA VAL A 374 3.13 -10.93 12.00
C VAL A 374 2.72 -9.47 12.03
N PRO A 375 1.42 -9.19 12.14
CA PRO A 375 0.98 -7.78 12.18
C PRO A 375 1.59 -7.04 13.35
N ASN A 376 1.98 -5.80 13.13
CA ASN A 376 2.58 -4.99 14.18
C ASN A 376 2.47 -3.53 13.77
N LEU A 377 2.60 -2.65 14.75
CA LEU A 377 2.46 -1.21 14.52
C LEU A 377 3.75 -0.38 14.60
N GLN A 378 4.91 -1.02 14.66
CA GLN A 378 6.17 -0.32 14.82
C GLN A 378 6.43 0.81 13.84
N GLU A 379 6.10 0.61 12.56
CA GLU A 379 6.40 1.65 11.59
C GLU A 379 5.61 2.93 11.68
N PHE A 380 4.67 3.00 12.60
CA PHE A 380 3.96 4.27 12.81
C PHE A 380 5.04 5.28 13.24
N GLY A 381 6.20 4.79 13.69
CA GLY A 381 7.28 5.67 14.12
C GLY A 381 7.72 6.65 13.02
N LEU A 382 7.56 6.26 11.77
CA LEU A 382 7.95 7.16 10.67
C LEU A 382 7.18 8.48 10.74
N TYR A 383 5.93 8.43 11.22
N TYR A 383 5.96 8.46 11.25
CA TYR A 383 5.09 9.62 11.33
CA TYR A 383 5.19 9.70 11.31
C TYR A 383 5.60 10.58 12.41
C TYR A 383 5.66 10.63 12.40
N ASN A 384 6.56 10.13 13.23
CA ASN A 384 7.11 10.95 14.30
C ASN A 384 8.53 11.44 13.98
N TRP A 385 9.09 11.06 12.82
CA TRP A 385 10.42 11.56 12.48
C TRP A 385 10.39 13.08 12.52
N ARG A 386 9.37 13.67 11.91
CA ARG A 386 9.15 15.13 11.93
C ARG A 386 7.81 15.47 12.57
N GLY A 387 6.88 14.52 12.60
CA GLY A 387 5.58 14.77 13.19
C GLY A 387 4.76 15.76 12.38
N GLY A 388 3.68 16.26 12.97
CA GLY A 388 2.86 17.23 12.28
C GLY A 388 1.85 16.69 11.28
N GLY A 389 1.80 15.37 11.12
CA GLY A 389 0.81 14.77 10.25
C GLY A 389 0.94 14.85 8.74
N GLY A 390 2.14 15.19 8.25
CA GLY A 390 2.34 15.26 6.81
C GLY A 390 3.15 14.08 6.33
N SER A 391 2.58 13.30 5.40
CA SER A 391 3.24 12.12 4.85
C SER A 391 2.64 11.72 3.52
N MET A 392 3.47 11.64 2.49
CA MET A 392 3.06 11.17 1.16
C MET A 392 4.10 10.21 0.68
N TRP A 393 3.66 9.05 0.19
CA TRP A 393 4.59 8.08 -0.38
C TRP A 393 4.92 8.43 -1.82
N PHE A 394 6.20 8.57 -2.12
CA PHE A 394 6.69 8.78 -3.50
C PHE A 394 7.33 7.42 -3.79
N ALA A 395 6.72 6.63 -4.68
CA ALA A 395 7.18 5.25 -4.89
C ALA A 395 7.50 4.84 -6.31
N PRO A 396 8.60 5.40 -6.83
CA PRO A 396 9.04 5.05 -8.19
C PRO A 396 9.47 3.59 -8.30
N VAL A 397 9.24 3.04 -9.49
CA VAL A 397 9.66 1.70 -9.85
C VAL A 397 11.10 1.81 -10.36
N SER A 398 11.93 0.81 -10.07
CA SER A 398 13.29 0.79 -10.55
C SER A 398 13.69 -0.62 -10.92
N GLU A 399 14.62 -0.74 -11.86
CA GLU A 399 15.25 -2.03 -12.10
C GLU A 399 16.01 -2.36 -10.79
N ALA A 400 16.14 -3.65 -10.49
CA ALA A 400 16.96 -4.08 -9.35
C ALA A 400 18.39 -4.17 -9.88
N ARG A 401 18.91 -3.03 -10.32
N ARG A 401 18.90 -3.02 -10.31
CA ARG A 401 20.28 -2.91 -10.83
CA ARG A 401 20.27 -2.87 -10.84
C ARG A 401 20.89 -1.79 -10.00
C ARG A 401 20.88 -1.79 -9.97
N GLY A 402 22.08 -2.04 -9.46
CA GLY A 402 22.71 -1.07 -8.59
C GLY A 402 22.81 0.35 -9.08
N SER A 403 23.27 0.52 -10.32
CA SER A 403 23.44 1.86 -10.86
C SER A 403 22.13 2.62 -10.92
N GLU A 404 21.04 1.92 -11.20
CA GLU A 404 19.71 2.55 -11.27
C GLU A 404 19.27 2.99 -9.89
N CYS A 405 19.49 2.13 -8.90
CA CYS A 405 19.12 2.47 -7.53
C CYS A 405 19.93 3.66 -7.04
N LYS A 406 21.23 3.68 -7.35
CA LYS A 406 22.06 4.82 -6.96
C LYS A 406 21.53 6.10 -7.60
N LYS A 407 21.23 6.02 -8.89
CA LYS A 407 20.73 7.18 -9.61
C LYS A 407 19.44 7.72 -8.98
N GLN A 408 18.49 6.83 -8.74
CA GLN A 408 17.23 7.28 -8.16
C GLN A 408 17.40 7.84 -6.76
N ALA A 409 18.22 7.19 -5.94
CA ALA A 409 18.45 7.68 -4.58
C ALA A 409 19.05 9.08 -4.60
N ALA A 410 20.01 9.31 -5.51
CA ALA A 410 20.63 10.63 -5.59
C ALA A 410 19.65 11.68 -6.08
N MET A 411 18.83 11.31 -7.06
N MET A 411 18.83 11.32 -7.04
CA MET A 411 17.84 12.23 -7.59
CA MET A 411 17.85 12.25 -7.58
C MET A 411 16.84 12.65 -6.51
C MET A 411 16.83 12.66 -6.52
N ALA A 412 16.30 11.67 -5.79
CA ALA A 412 15.33 11.98 -4.75
C ALA A 412 15.95 12.81 -3.64
N LYS A 413 17.17 12.48 -3.25
CA LYS A 413 17.83 13.23 -2.18
C LYS A 413 18.02 14.69 -2.59
N ARG A 414 18.45 14.92 -3.82
CA ARG A 414 18.65 16.28 -4.30
C ARG A 414 17.36 17.09 -4.25
N VAL A 415 16.29 16.52 -4.80
CA VAL A 415 15.03 17.22 -4.83
C VAL A 415 14.46 17.44 -3.43
N LEU A 416 14.51 16.41 -2.58
CA LEU A 416 13.98 16.59 -1.23
C LEU A 416 14.78 17.67 -0.49
N HIS A 417 16.10 17.62 -0.56
CA HIS A 417 16.90 18.64 0.12
C HIS A 417 16.63 20.03 -0.39
N LYS A 418 16.41 20.17 -1.69
CA LYS A 418 16.11 21.47 -2.28
C LYS A 418 14.92 22.09 -1.56
N TYR A 419 13.96 21.25 -1.15
CA TYR A 419 12.76 21.73 -0.48
C TYR A 419 12.80 21.59 1.03
N GLY A 420 13.98 21.37 1.59
CA GLY A 420 14.12 21.30 3.03
C GLY A 420 13.63 20.04 3.70
N LEU A 421 13.45 18.98 2.91
CA LEU A 421 12.94 17.69 3.43
C LEU A 421 13.96 16.57 3.29
N ASP A 422 13.66 15.45 3.93
CA ASP A 422 14.60 14.34 3.97
C ASP A 422 14.35 13.19 3.03
N TYR A 423 15.46 12.53 2.69
CA TYR A 423 15.40 11.29 1.94
C TYR A 423 15.24 10.21 3.04
N VAL A 424 14.04 9.65 3.11
CA VAL A 424 13.68 8.60 4.09
C VAL A 424 13.13 7.55 3.14
N ALA A 425 13.87 6.46 2.95
CA ALA A 425 13.47 5.53 1.92
C ALA A 425 13.95 4.13 2.11
N GLU A 426 13.33 3.24 1.35
CA GLU A 426 13.76 1.87 1.32
C GLU A 426 13.45 1.26 -0.03
N PHE A 427 14.32 0.35 -0.47
CA PHE A 427 14.05 -0.42 -1.68
C PHE A 427 13.41 -1.74 -1.24
N ILE A 428 12.21 -2.06 -1.78
CA ILE A 428 11.55 -3.34 -1.51
C ILE A 428 11.92 -4.17 -2.75
N VAL A 429 12.67 -5.24 -2.52
CA VAL A 429 13.29 -5.99 -3.58
C VAL A 429 12.66 -7.24 -4.10
N ALA A 430 12.17 -7.14 -5.32
CA ALA A 430 11.68 -8.30 -6.06
C ALA A 430 12.93 -8.80 -6.81
N PRO A 431 12.83 -9.94 -7.52
CA PRO A 431 14.03 -10.41 -8.24
C PRO A 431 14.51 -9.42 -9.31
N ARG A 432 13.58 -8.76 -10.01
CA ARG A 432 13.97 -7.86 -11.08
C ARG A 432 13.64 -6.39 -10.84
N ASP A 433 12.68 -6.11 -9.95
CA ASP A 433 12.29 -4.72 -9.71
C ASP A 433 12.42 -4.33 -8.26
N MET A 434 12.50 -3.01 -8.05
CA MET A 434 12.39 -2.45 -6.72
C MET A 434 11.16 -1.57 -6.69
N HIS A 435 10.45 -1.60 -5.57
CA HIS A 435 9.51 -0.52 -5.30
C HIS A 435 10.49 0.36 -4.46
N HIS A 436 10.85 1.53 -4.97
CA HIS A 436 11.74 2.46 -4.26
C HIS A 436 10.77 3.37 -3.51
N VAL A 437 10.52 3.02 -2.25
CA VAL A 437 9.52 3.73 -1.45
C VAL A 437 10.18 4.85 -0.66
N ILE A 438 9.76 6.07 -0.96
CA ILE A 438 10.30 7.27 -0.33
C ILE A 438 9.19 7.96 0.44
N ASP A 439 9.39 8.10 1.75
CA ASP A 439 8.38 8.73 2.60
C ASP A 439 8.67 10.22 2.64
N VAL A 440 7.81 11.01 2.00
CA VAL A 440 7.96 12.46 1.97
C VAL A 440 7.23 12.95 3.23
N LEU A 441 8.04 13.30 4.23
CA LEU A 441 7.54 13.68 5.57
C LEU A 441 7.69 15.17 5.83
N TYR A 442 6.65 15.77 6.38
CA TYR A 442 6.66 17.20 6.63
C TYR A 442 5.62 17.54 7.71
N ASP A 443 5.72 18.74 8.25
CA ASP A 443 4.80 19.22 9.27
C ASP A 443 3.60 19.88 8.58
N ARG A 444 2.50 19.15 8.48
CA ARG A 444 1.29 19.62 7.84
C ARG A 444 0.59 20.73 8.63
N THR A 445 1.02 20.96 9.87
CA THR A 445 0.41 22.07 10.64
C THR A 445 1.14 23.39 10.32
N ASN A 446 2.20 23.31 9.53
CA ASN A 446 3.00 24.48 9.15
C ASN A 446 2.66 24.81 7.69
N PRO A 447 1.94 25.92 7.45
CA PRO A 447 1.59 26.26 6.07
C PRO A 447 2.76 26.42 5.10
N GLU A 448 3.82 27.10 5.55
CA GLU A 448 4.98 27.30 4.68
C GLU A 448 5.63 25.97 4.30
N GLU A 449 5.75 25.07 5.26
CA GLU A 449 6.36 23.78 4.97
C GLU A 449 5.42 22.91 4.14
N THR A 450 4.12 23.01 4.39
CA THR A 450 3.15 22.24 3.63
C THR A 450 3.24 22.64 2.16
N LYS A 451 3.38 23.92 1.87
CA LYS A 451 3.50 24.35 0.49
C LYS A 451 4.79 23.82 -0.13
N ARG A 452 5.88 23.79 0.65
CA ARG A 452 7.12 23.24 0.13
C ARG A 452 6.92 21.75 -0.18
N ALA A 453 6.21 21.02 0.67
CA ALA A 453 6.01 19.59 0.43
C ALA A 453 5.24 19.33 -0.85
N ASP A 454 4.20 20.12 -1.10
CA ASP A 454 3.40 19.98 -2.32
C ASP A 454 4.27 20.26 -3.56
N ALA A 455 5.09 21.31 -3.47
CA ALA A 455 5.96 21.66 -4.57
C ALA A 455 7.01 20.59 -4.77
N CYS A 456 7.53 20.06 -3.66
CA CYS A 456 8.56 19.02 -3.71
C CYS A 456 8.01 17.76 -4.39
N PHE A 457 6.79 17.35 -4.03
CA PHE A 457 6.22 16.13 -4.58
C PHE A 457 6.04 16.31 -6.10
N ASN A 458 5.59 17.49 -6.51
CA ASN A 458 5.45 17.77 -7.93
C ASN A 458 6.79 17.68 -8.65
N GLU A 459 7.82 18.24 -8.04
CA GLU A 459 9.13 18.20 -8.66
C GLU A 459 9.72 16.79 -8.69
N LEU A 460 9.47 16.00 -7.63
CA LEU A 460 9.93 14.59 -7.64
C LEU A 460 9.31 13.89 -8.84
N LEU A 461 8.00 14.06 -9.03
CA LEU A 461 7.33 13.43 -10.16
C LEU A 461 7.93 13.87 -11.50
N ASP A 462 8.12 15.18 -11.65
CA ASP A 462 8.68 15.73 -12.88
C ASP A 462 10.10 15.21 -13.14
N GLU A 463 10.95 15.29 -12.12
CA GLU A 463 12.35 14.88 -12.31
C GLU A 463 12.47 13.39 -12.59
N PHE A 464 11.63 12.58 -11.95
CA PHE A 464 11.70 11.15 -12.20
C PHE A 464 11.17 10.86 -13.61
N GLU A 465 10.12 11.53 -14.05
CA GLU A 465 9.65 11.31 -15.42
C GLU A 465 10.75 11.67 -16.43
N LYS A 466 11.55 12.69 -16.14
CA LYS A 466 12.61 13.11 -17.06
C LYS A 466 13.62 11.99 -17.28
N GLU A 467 13.70 11.07 -16.31
CA GLU A 467 14.64 9.96 -16.43
C GLU A 467 13.91 8.65 -16.79
N GLY A 468 12.66 8.75 -17.20
CA GLY A 468 11.88 7.58 -17.60
C GLY A 468 11.33 6.76 -16.46
N TYR A 469 11.15 7.39 -15.30
CA TYR A 469 10.64 6.68 -14.11
C TYR A 469 9.27 7.18 -13.71
N ALA A 470 8.44 6.26 -13.24
CA ALA A 470 7.10 6.60 -12.77
C ALA A 470 6.80 5.80 -11.52
N VAL A 471 5.78 6.25 -10.79
CA VAL A 471 5.43 5.59 -9.53
C VAL A 471 4.38 4.49 -9.72
N TYR A 472 4.35 3.54 -8.79
CA TYR A 472 3.45 2.40 -8.91
C TYR A 472 2.10 2.60 -8.25
N ARG A 473 1.98 3.69 -7.50
CA ARG A 473 0.81 3.93 -6.66
C ARG A 473 0.98 5.35 -6.14
N VAL A 474 -0.11 6.07 -5.88
CA VAL A 474 0.04 7.44 -5.40
C VAL A 474 -1.21 7.94 -4.70
N ASN A 475 -1.01 8.96 -3.86
CA ASN A 475 -2.11 9.54 -3.10
C ASN A 475 -3.11 10.19 -4.03
N THR A 476 -4.33 10.31 -3.50
CA THR A 476 -5.45 10.86 -4.24
C THR A 476 -5.22 12.25 -4.83
N ARG A 477 -4.48 13.12 -4.15
CA ARG A 477 -4.23 14.46 -4.70
C ARG A 477 -3.45 14.41 -6.02
N PHE A 478 -2.66 13.36 -6.21
CA PHE A 478 -1.79 13.22 -7.37
C PHE A 478 -2.15 12.10 -8.31
N GLN A 479 -3.30 11.45 -8.13
CA GLN A 479 -3.63 10.35 -9.02
C GLN A 479 -3.81 10.76 -10.48
N ASP A 480 -4.39 11.94 -10.71
CA ASP A 480 -4.54 12.39 -12.08
C ASP A 480 -3.18 12.73 -12.68
N ARG A 481 -2.32 13.38 -11.90
CA ARG A 481 -1.00 13.74 -12.36
C ARG A 481 -0.17 12.52 -12.75
N VAL A 482 -0.22 11.47 -11.91
CA VAL A 482 0.55 10.26 -12.23
C VAL A 482 -0.02 9.53 -13.45
N ALA A 483 -1.33 9.62 -13.65
CA ALA A 483 -1.90 8.99 -14.84
C ALA A 483 -1.25 9.58 -16.10
N GLN A 484 -0.89 10.86 -16.06
CA GLN A 484 -0.27 11.50 -17.21
C GLN A 484 1.08 10.85 -17.53
N SER A 485 1.77 10.33 -16.51
CA SER A 485 3.10 9.72 -16.70
C SER A 485 3.08 8.55 -17.68
N TYR A 486 1.93 7.89 -17.78
CA TYR A 486 1.81 6.68 -18.57
C TYR A 486 1.28 6.86 -19.98
N GLY A 487 1.06 8.12 -20.36
CA GLY A 487 0.68 8.39 -21.73
C GLY A 487 -0.78 8.47 -22.10
N PRO A 488 -1.07 9.17 -23.21
CA PRO A 488 -2.44 9.34 -23.66
C PRO A 488 -3.17 8.15 -24.23
N VAL A 489 -2.46 7.25 -24.91
CA VAL A 489 -3.17 6.09 -25.47
C VAL A 489 -3.77 5.24 -24.36
N LYS A 490 -3.01 5.05 -23.28
CA LYS A 490 -3.47 4.29 -22.13
C LYS A 490 -4.71 4.97 -21.53
N ARG A 491 -4.64 6.28 -21.32
CA ARG A 491 -5.78 6.96 -20.72
C ARG A 491 -7.01 6.89 -21.59
N LYS A 492 -6.84 6.98 -22.91
CA LYS A 492 -7.98 6.88 -23.81
C LYS A 492 -8.62 5.49 -23.71
N LEU A 493 -7.81 4.43 -23.67
CA LEU A 493 -8.38 3.09 -23.55
C LEU A 493 -9.09 2.96 -22.19
N GLU A 494 -8.47 3.48 -21.13
CA GLU A 494 -9.09 3.39 -19.81
C GLU A 494 -10.43 4.09 -19.74
N HIS A 495 -10.56 5.19 -20.46
CA HIS A 495 -11.82 5.92 -20.47
C HIS A 495 -12.85 5.23 -21.34
N ALA A 496 -12.42 4.53 -22.39
CA ALA A 496 -13.37 3.78 -23.22
C ALA A 496 -13.95 2.64 -22.38
N ILE A 497 -13.10 1.94 -21.61
CA ILE A 497 -13.60 0.88 -20.75
C ILE A 497 -14.52 1.48 -19.68
N LYS A 498 -14.12 2.62 -19.12
CA LYS A 498 -14.93 3.30 -18.12
C LYS A 498 -16.36 3.56 -18.60
N ARG A 499 -16.48 4.10 -19.82
N ARG A 499 -16.50 4.12 -19.80
CA ARG A 499 -17.80 4.40 -20.40
CA ARG A 499 -17.84 4.40 -20.32
C ARG A 499 -18.62 3.12 -20.56
C ARG A 499 -18.64 3.11 -20.54
N ALA A 500 -17.95 2.05 -20.95
CA ALA A 500 -18.62 0.78 -21.18
C ALA A 500 -19.18 0.14 -19.91
N VAL A 501 -18.45 0.23 -18.82
CA VAL A 501 -18.87 -0.40 -17.58
C VAL A 501 -19.51 0.52 -16.54
N ASP A 502 -19.40 1.83 -16.74
CA ASP A 502 -19.96 2.79 -15.77
C ASP A 502 -20.33 4.04 -16.56
N PRO A 503 -21.35 3.95 -17.41
CA PRO A 503 -21.74 5.11 -18.22
C PRO A 503 -22.13 6.38 -17.45
N ASN A 504 -22.62 6.25 -16.22
CA ASN A 504 -22.99 7.41 -15.43
C ASN A 504 -21.84 7.94 -14.60
N ASN A 505 -20.66 7.33 -14.72
CA ASN A 505 -19.47 7.84 -14.01
C ASN A 505 -19.66 7.88 -12.49
N ILE A 506 -20.34 6.89 -11.93
CA ILE A 506 -20.59 6.89 -10.50
C ILE A 506 -19.54 6.22 -9.66
N LEU A 507 -18.71 5.36 -10.26
CA LEU A 507 -17.71 4.70 -9.45
C LEU A 507 -16.42 5.48 -9.35
N ALA A 508 -16.23 6.10 -8.19
CA ALA A 508 -14.99 6.80 -7.88
C ALA A 508 -14.33 7.58 -9.03
N PRO A 509 -15.06 8.48 -9.68
CA PRO A 509 -14.40 9.21 -10.76
C PRO A 509 -13.19 9.98 -10.22
N GLY A 510 -12.08 9.88 -10.95
CA GLY A 510 -10.84 10.49 -10.50
C GLY A 510 -9.84 9.41 -10.07
N ARG A 511 -10.31 8.22 -9.69
CA ARG A 511 -9.42 7.13 -9.33
C ARG A 511 -8.44 6.85 -10.46
N SER A 512 -7.13 6.91 -10.18
CA SER A 512 -6.09 6.68 -11.18
C SER A 512 -6.29 7.56 -12.40
N GLY A 513 -6.92 8.72 -12.18
CA GLY A 513 -7.15 9.65 -13.27
C GLY A 513 -8.18 9.20 -14.28
N ILE A 514 -9.09 8.31 -13.89
CA ILE A 514 -10.13 7.82 -14.78
C ILE A 514 -11.44 8.49 -14.37
N ASP A 515 -11.94 9.36 -15.24
CA ASP A 515 -13.15 10.16 -14.94
C ASP A 515 -13.77 10.55 -16.27
N LEU A 516 -15.02 10.18 -16.48
CA LEU A 516 -15.64 10.51 -17.77
C LEU A 516 -15.76 12.00 -18.04
N ASN A 517 -15.52 12.84 -17.04
CA ASN A 517 -15.54 14.28 -17.30
C ASN A 517 -14.27 14.67 -18.04
N ASN A 518 -13.28 13.79 -18.08
CA ASN A 518 -12.03 14.09 -18.78
C ASN A 518 -12.24 14.04 -20.29
N ASP A 519 -11.40 14.77 -21.02
CA ASP A 519 -11.48 14.77 -22.47
C ASP A 519 -10.63 13.64 -23.04
N PHE A 520 -11.04 12.40 -22.79
CA PHE A 520 -10.32 11.22 -23.29
C PHE A 520 -11.31 10.23 -23.86
CL CL B . -3.03 10.35 3.48
PA FAD C . -7.97 0.48 1.86
O1A FAD C . -9.30 -0.10 2.21
O2A FAD C . -7.63 1.81 2.36
O5B FAD C . -7.97 0.46 0.25
C5B FAD C . -6.85 1.03 -0.47
C4B FAD C . -7.35 1.64 -1.78
O4B FAD C . -7.88 0.54 -2.63
C3B FAD C . -8.58 2.53 -1.63
O3B FAD C . -8.26 3.87 -1.33
C2B FAD C . -9.29 2.41 -2.95
O2B FAD C . -8.67 3.21 -3.96
C1B FAD C . -9.07 0.93 -3.28
N9A FAD C . -10.23 0.12 -2.81
C8A FAD C . -10.33 -0.46 -1.53
N7A FAD C . -11.26 -1.28 -1.38
C5A FAD C . -11.82 -1.36 -2.59
C6A FAD C . -12.92 -2.15 -3.08
N6A FAD C . -13.58 -3.01 -2.30
N1A FAD C . -13.25 -2.03 -4.41
C2A FAD C . -12.57 -1.17 -5.23
N3A FAD C . -11.52 -0.38 -4.84
C4A FAD C . -11.20 -0.53 -3.51
N1 FAD C . 1.59 -0.19 2.06
C2 FAD C . 2.02 -1.35 1.52
O2 FAD C . 1.55 -1.81 0.54
N3 FAD C . 3.02 -2.02 2.24
C4 FAD C . 3.61 -1.56 3.43
O4 FAD C . 4.41 -2.27 4.02
C4X FAD C . 3.18 -0.28 3.88
N5 FAD C . 3.77 0.28 4.96
C5X FAD C . 3.30 1.47 5.41
C6 FAD C . 3.97 2.06 6.58
C7 FAD C . 3.52 3.28 7.09
C7M FAD C . 4.20 3.90 8.27
C8 FAD C . 2.36 3.92 6.40
C8M FAD C . 1.80 5.10 6.69
C9 FAD C . 1.73 3.37 5.34
C9A FAD C . 2.18 2.14 4.82
N10 FAD C . 1.57 1.52 3.69
C10 FAD C . 2.12 0.31 3.17
C1' FAD C . 0.38 2.17 2.99
C2' FAD C . -0.99 1.66 3.61
O2' FAD C . -1.08 2.02 4.97
C3' FAD C . -1.29 0.12 3.49
O3' FAD C . -1.08 -0.19 2.12
C4' FAD C . -2.74 -0.27 3.93
O4' FAD C . -2.66 -1.71 3.90
C5' FAD C . -3.70 0.24 2.93
O5' FAD C . -4.98 0.33 3.69
P FAD C . -6.07 -0.79 3.61
O1P FAD C . -5.47 -2.15 3.56
O2P FAD C . -7.08 -0.41 4.68
O3P FAD C . -6.75 -0.54 2.18
C ACY D . 4.42 1.45 0.48
O ACY D . 3.71 1.63 -0.62
OXT ACY D . 5.20 0.42 0.75
CH3 ACY D . 4.30 2.53 1.54
C ACY E . -4.01 -0.15 13.94
O ACY E . -3.83 0.70 12.98
OXT ACY E . -3.84 -1.45 13.90
CH3 ACY E . -4.48 0.41 15.27
C1 GOL F . -13.29 -18.85 9.47
O1 GOL F . -14.37 -17.92 9.40
C2 GOL F . -13.40 -19.84 8.31
O2 GOL F . -14.47 -20.77 8.52
C3 GOL F . -12.07 -20.58 8.14
O3 GOL F . -12.16 -21.52 7.06
C1 GOL G . -3.45 21.54 7.51
O1 GOL G . -3.81 22.08 8.78
C2 GOL G . -3.71 22.56 6.39
O2 GOL G . -5.11 22.81 6.27
C3 GOL G . -3.13 22.03 5.06
O3 GOL G . -3.08 23.08 4.10
#